data_7UXB
#
_entry.id   7UXB
#
_cell.length_a   65.200
_cell.length_b   75.230
_cell.length_c   93.200
_cell.angle_alpha   90.000
_cell.angle_beta   90.000
_cell.angle_gamma   90.000
#
_symmetry.space_group_name_H-M   'P 21 21 21'
#
loop_
_entity.id
_entity.type
_entity.pdbx_description
1 polymer 'Triosephosphate isomerase'
2 non-polymer 'ISOPROPYL ALCOHOL'
3 non-polymer GLYCEROL
4 water water
#
_entity_poly.entity_id   1
_entity_poly.type   'polypeptide(L)'
_entity_poly.pdbx_seq_one_letter_code
;MAPSRKFFVGGNWKMNGRKQSLGELIGTLNAAKVPADTEVVCAPPTAYIDFARQKLDPKIAVAAQNCYKVTNGAFTGEIS
PGMIKDCGATWVVLGHSERRHVFGESDELIGQKVAHALAEGLRVIACIGEKLDEREAGITEKVVFEQTKVIADNVKDWSK
VVLAYEPVWAIGTGKTATPQQAQEVHEKLRGWLKSNVSDAVAQSTRIIYGGSVTGATCKELASQPDVDGFLVGGASLKPE
FVDIINAKQ
;
_entity_poly.pdbx_strand_id   A,B
#
loop_
_chem_comp.id
_chem_comp.type
_chem_comp.name
_chem_comp.formula
GOL non-polymer GLYCEROL 'C3 H8 O3'
IPA non-polymer 'ISOPROPYL ALCOHOL' 'C3 H8 O'
#
# COMPACT_ATOMS: atom_id res chain seq x y z
N SER A 4 -24.13 15.91 -21.79
CA SER A 4 -24.78 14.75 -21.10
C SER A 4 -23.75 13.92 -20.28
N ARG A 5 -22.89 14.61 -19.52
CA ARG A 5 -21.88 13.96 -18.65
C ARG A 5 -22.59 13.09 -17.62
N LYS A 6 -22.30 11.80 -17.63
CA LYS A 6 -22.93 10.89 -16.68
C LYS A 6 -22.49 11.30 -15.24
N PHE A 7 -23.46 11.49 -14.35
CA PHE A 7 -23.20 11.86 -12.94
C PHE A 7 -22.33 10.77 -12.30
N PHE A 8 -21.32 11.16 -11.53
CA PHE A 8 -20.30 10.20 -11.07
C PHE A 8 -20.07 10.34 -9.57
N VAL A 9 -20.35 9.26 -8.84
CA VAL A 9 -20.20 9.24 -7.39
C VAL A 9 -19.25 8.11 -6.99
N GLY A 10 -18.04 8.50 -6.58
CA GLY A 10 -17.06 7.57 -6.05
C GLY A 10 -17.02 7.57 -4.53
N GLY A 11 -16.95 6.39 -3.93
CA GLY A 11 -16.85 6.25 -2.48
C GLY A 11 -15.45 5.82 -2.08
N ASN A 12 -14.71 6.72 -1.45
CA ASN A 12 -13.37 6.42 -0.95
C ASN A 12 -13.45 5.97 0.51
N TRP A 13 -13.37 4.67 0.70
CA TRP A 13 -13.42 4.09 2.04
C TRP A 13 -12.15 4.37 2.87
N LYS A 14 -11.06 4.82 2.20
CA LYS A 14 -9.78 5.08 2.85
C LYS A 14 -9.37 3.85 3.66
N MET A 15 -8.69 4.01 4.79
CA MET A 15 -8.25 2.85 5.57
C MET A 15 -9.29 2.57 6.65
N ASN A 16 -10.42 2.02 6.24
CA ASN A 16 -11.51 1.77 7.13
C ASN A 16 -12.18 0.49 6.80
N GLY A 17 -12.67 -0.18 7.86
CA GLY A 17 -13.55 -1.32 7.70
C GLY A 17 -12.86 -2.67 7.84
N ARG A 18 -13.69 -3.69 8.09
CA ARG A 18 -13.26 -5.09 8.05
C ARG A 18 -14.30 -5.81 7.24
N LYS A 19 -14.07 -7.10 6.97
CA LYS A 19 -14.98 -7.88 6.11
C LYS A 19 -16.43 -7.83 6.60
N GLN A 20 -16.62 -7.85 7.91
CA GLN A 20 -17.96 -7.87 8.48
C GLN A 20 -18.65 -6.54 8.20
N SER A 21 -18.03 -5.44 8.61
CA SER A 21 -18.66 -4.12 8.42
C SER A 21 -18.78 -3.74 6.94
N LEU A 22 -17.76 -4.05 6.13
CA LEU A 22 -17.82 -3.73 4.68
C LEU A 22 -18.81 -4.62 3.91
N GLY A 23 -18.88 -5.89 4.26
CA GLY A 23 -19.95 -6.77 3.80
C GLY A 23 -21.33 -6.19 4.06
N GLU A 24 -21.55 -5.66 5.25
CA GLU A 24 -22.84 -5.01 5.60
C GLU A 24 -23.12 -3.81 4.69
N LEU A 25 -22.16 -2.89 4.62
CA LEU A 25 -22.22 -1.76 3.70
C LEU A 25 -22.50 -2.22 2.27
N ILE A 26 -21.81 -3.27 1.83
CA ILE A 26 -22.00 -3.77 0.44
C ILE A 26 -23.42 -4.31 0.21
N GLY A 27 -23.97 -4.98 1.21
CA GLY A 27 -25.35 -5.47 1.13
C GLY A 27 -26.33 -4.33 0.93
N THR A 28 -26.11 -3.23 1.63
CA THR A 28 -26.92 -2.03 1.45
C THR A 28 -26.82 -1.48 0.03
N LEU A 29 -25.60 -1.35 -0.49
CA LEU A 29 -25.37 -0.80 -1.83
C LEU A 29 -25.94 -1.71 -2.94
N ASN A 30 -25.79 -3.01 -2.76
CA ASN A 30 -26.41 -3.98 -3.66
C ASN A 30 -27.96 -3.85 -3.72
N ALA A 31 -28.59 -3.64 -2.57
CA ALA A 31 -30.04 -3.45 -2.50
C ALA A 31 -30.49 -2.08 -3.00
N ALA A 32 -29.57 -1.13 -3.05
CA ALA A 32 -29.90 0.26 -3.38
C ALA A 32 -30.28 0.36 -4.82
N LYS A 33 -31.35 1.10 -5.06
CA LYS A 33 -31.76 1.48 -6.40
C LYS A 33 -30.86 2.63 -6.81
N VAL A 34 -29.96 2.37 -7.76
CA VAL A 34 -29.09 3.39 -8.38
C VAL A 34 -29.82 4.09 -9.56
N PRO A 35 -29.71 5.45 -9.69
CA PRO A 35 -30.29 6.10 -10.88
C PRO A 35 -29.60 5.70 -12.16
N ALA A 36 -30.40 5.55 -13.22
CA ALA A 36 -29.88 5.26 -14.55
C ALA A 36 -28.87 6.30 -15.10
N ASP A 37 -28.99 7.55 -14.65
CA ASP A 37 -28.08 8.61 -15.13
C ASP A 37 -26.80 8.75 -14.27
N THR A 38 -26.42 7.71 -13.53
CA THR A 38 -25.42 7.81 -12.48
C THR A 38 -24.46 6.61 -12.49
N GLU A 39 -23.18 6.90 -12.51
CA GLU A 39 -22.12 5.89 -12.42
C GLU A 39 -21.48 5.89 -11.00
N VAL A 40 -21.49 4.72 -10.36
CA VAL A 40 -21.03 4.53 -9.00
C VAL A 40 -19.77 3.63 -8.94
N VAL A 41 -18.77 4.10 -8.16
CA VAL A 41 -17.50 3.42 -7.95
C VAL A 41 -17.16 3.41 -6.45
N CYS A 42 -16.69 2.27 -5.94
CA CYS A 42 -16.25 2.18 -4.55
C CYS A 42 -14.77 1.79 -4.51
N ALA A 43 -14.01 2.44 -3.62
CA ALA A 43 -12.56 2.24 -3.48
C ALA A 43 -12.25 1.67 -2.11
N PRO A 44 -12.17 0.35 -2.01
CA PRO A 44 -11.90 -0.26 -0.71
C PRO A 44 -10.45 -0.22 -0.36
N PRO A 45 -10.10 -0.43 0.92
CA PRO A 45 -8.70 -0.70 1.24
C PRO A 45 -8.13 -1.82 0.38
N THR A 46 -6.84 -1.72 0.12
CA THR A 46 -6.17 -2.60 -0.80
C THR A 46 -6.30 -4.08 -0.45
N ALA A 47 -6.28 -4.41 0.84
CA ALA A 47 -6.48 -5.82 1.29
C ALA A 47 -7.86 -6.40 0.90
N TYR A 48 -8.81 -5.52 0.60
CA TYR A 48 -10.20 -5.89 0.31
C TYR A 48 -10.71 -5.59 -1.09
N ILE A 49 -9.83 -5.29 -2.03
CA ILE A 49 -10.27 -5.08 -3.41
C ILE A 49 -10.98 -6.34 -3.93
N ASP A 50 -10.32 -7.48 -3.75
CA ASP A 50 -10.82 -8.79 -4.22
C ASP A 50 -12.19 -9.12 -3.56
N PHE A 51 -12.20 -9.12 -2.24
CA PHE A 51 -13.41 -9.30 -1.40
C PHE A 51 -14.56 -8.41 -1.84
N ALA A 52 -14.30 -7.12 -1.99
CA ALA A 52 -15.33 -6.16 -2.36
C ALA A 52 -15.89 -6.41 -3.75
N ARG A 53 -15.02 -6.71 -4.72
CA ARG A 53 -15.47 -7.05 -6.06
C ARG A 53 -16.32 -8.33 -6.07
N GLN A 54 -15.97 -9.30 -5.25
CA GLN A 54 -16.73 -10.55 -5.17
C GLN A 54 -18.12 -10.31 -4.58
N LYS A 55 -18.24 -9.45 -3.57
CA LYS A 55 -19.53 -9.22 -2.90
C LYS A 55 -20.40 -8.17 -3.59
N LEU A 56 -19.77 -7.20 -4.25
CA LEU A 56 -20.54 -6.11 -4.86
C LEU A 56 -21.20 -6.56 -6.15
N ASP A 57 -22.41 -6.06 -6.35
CA ASP A 57 -23.16 -6.18 -7.59
C ASP A 57 -22.40 -5.48 -8.74
N PRO A 58 -22.48 -6.02 -9.98
CA PRO A 58 -21.85 -5.41 -11.15
C PRO A 58 -22.25 -3.99 -11.50
N LYS A 59 -23.42 -3.53 -11.05
CA LYS A 59 -23.78 -2.13 -11.23
C LYS A 59 -22.78 -1.16 -10.58
N ILE A 60 -22.05 -1.63 -9.56
CA ILE A 60 -21.02 -0.81 -8.88
C ILE A 60 -19.64 -1.27 -9.36
N ALA A 61 -18.81 -0.35 -9.84
CA ALA A 61 -17.42 -0.63 -10.16
C ALA A 61 -16.52 -0.54 -8.93
N VAL A 62 -15.36 -1.19 -8.98
CA VAL A 62 -14.40 -1.19 -7.86
C VAL A 62 -13.12 -0.51 -8.30
N ALA A 63 -12.57 0.33 -7.44
CA ALA A 63 -11.32 1.07 -7.64
C ALA A 63 -10.28 0.71 -6.61
N ALA A 64 -9.02 0.59 -7.02
CA ALA A 64 -7.95 0.61 -6.05
C ALA A 64 -7.74 2.06 -5.56
N GLN A 65 -7.25 2.19 -4.33
CA GLN A 65 -6.95 3.50 -3.75
C GLN A 65 -5.63 4.10 -4.20
N ASN A 66 -4.78 3.32 -4.85
CA ASN A 66 -3.48 3.75 -5.33
C ASN A 66 -2.88 2.58 -6.13
N CYS A 67 -1.81 2.85 -6.85
CA CYS A 67 -1.02 1.79 -7.48
C CYS A 67 0.40 2.29 -7.74
N TYR A 68 1.27 1.42 -8.24
CA TYR A 68 2.61 1.80 -8.61
C TYR A 68 2.70 1.80 -10.14
N LYS A 69 3.90 2.02 -10.68
CA LYS A 69 4.05 2.49 -12.08
C LYS A 69 4.75 1.49 -12.99
N VAL A 70 4.97 0.27 -12.50
CA VAL A 70 5.41 -0.84 -13.34
C VAL A 70 4.53 -2.04 -13.07
N THR A 71 4.59 -2.98 -14.01
CA THR A 71 3.72 -4.14 -13.94
C THR A 71 4.09 -5.14 -12.85
N ASN A 72 5.38 -5.33 -12.61
CA ASN A 72 5.90 -6.20 -11.57
C ASN A 72 7.25 -5.67 -11.15
N GLY A 73 7.70 -5.97 -9.93
CA GLY A 73 9.02 -5.53 -9.51
C GLY A 73 9.30 -5.57 -8.03
N ALA A 74 10.51 -5.16 -7.70
CA ALA A 74 11.03 -5.20 -6.34
C ALA A 74 10.55 -3.95 -5.55
N PHE A 75 9.23 -3.90 -5.31
CA PHE A 75 8.56 -2.78 -4.63
C PHE A 75 7.63 -3.33 -3.56
N THR A 76 8.27 -3.80 -2.50
CA THR A 76 7.61 -4.29 -1.29
C THR A 76 6.54 -3.28 -0.81
N GLY A 77 5.32 -3.78 -0.62
CA GLY A 77 4.20 -2.99 -0.18
C GLY A 77 3.38 -2.32 -1.27
N GLU A 78 3.76 -2.46 -2.55
CA GLU A 78 3.03 -1.84 -3.66
C GLU A 78 2.17 -2.85 -4.45
N ILE A 79 1.24 -2.32 -5.22
CA ILE A 79 0.49 -3.15 -6.19
C ILE A 79 0.49 -2.48 -7.55
N SER A 80 0.33 -3.30 -8.59
CA SER A 80 0.34 -2.80 -9.96
C SER A 80 -1.08 -2.78 -10.56
N PRO A 81 -1.27 -1.98 -11.60
CA PRO A 81 -2.52 -2.03 -12.36
C PRO A 81 -2.92 -3.44 -12.78
N GLY A 82 -1.94 -4.24 -13.17
CA GLY A 82 -2.22 -5.61 -13.62
C GLY A 82 -2.85 -6.44 -12.51
N MET A 83 -2.34 -6.27 -11.29
CA MET A 83 -2.97 -6.88 -10.10
C MET A 83 -4.39 -6.38 -9.83
N ILE A 84 -4.59 -5.07 -9.96
CA ILE A 84 -5.91 -4.47 -9.74
C ILE A 84 -6.94 -5.06 -10.72
N LYS A 85 -6.57 -5.13 -12.00
CA LYS A 85 -7.42 -5.74 -13.03
C LYS A 85 -7.67 -7.20 -12.73
N ASP A 86 -6.60 -7.90 -12.33
CA ASP A 86 -6.69 -9.33 -11.97
C ASP A 86 -7.69 -9.59 -10.85
N CYS A 87 -7.86 -8.64 -9.92
CA CYS A 87 -8.91 -8.70 -8.90
C CYS A 87 -10.30 -8.22 -9.34
N GLY A 88 -10.46 -7.85 -10.60
CA GLY A 88 -11.76 -7.46 -11.15
C GLY A 88 -12.08 -5.98 -11.03
N ALA A 89 -11.14 -5.18 -10.55
CA ALA A 89 -11.39 -3.75 -10.34
C ALA A 89 -11.06 -3.06 -11.63
N THR A 90 -11.79 -2.01 -11.96
CA THR A 90 -11.61 -1.31 -13.24
C THR A 90 -11.13 0.11 -13.15
N TRP A 91 -10.98 0.60 -11.92
CA TRP A 91 -10.50 1.94 -11.64
C TRP A 91 -9.30 1.94 -10.67
N VAL A 92 -8.62 3.06 -10.67
CA VAL A 92 -7.67 3.38 -9.60
C VAL A 92 -7.80 4.86 -9.27
N VAL A 93 -7.70 5.19 -7.97
CA VAL A 93 -7.57 6.57 -7.50
C VAL A 93 -6.08 6.96 -7.47
N LEU A 94 -5.71 8.06 -8.13
CA LEU A 94 -4.32 8.54 -8.11
C LEU A 94 -4.23 10.03 -7.74
N GLY A 95 -3.13 10.37 -7.06
CA GLY A 95 -2.91 11.76 -6.63
C GLY A 95 -3.80 12.24 -5.48
N HIS A 96 -4.38 11.30 -4.75
CA HIS A 96 -5.23 11.66 -3.61
C HIS A 96 -4.39 12.52 -2.64
N SER A 97 -5.03 13.50 -2.02
CA SER A 97 -4.35 14.46 -1.15
C SER A 97 -3.54 13.78 -0.04
N GLU A 98 -4.02 12.64 0.45
CA GLU A 98 -3.32 11.87 1.47
C GLU A 98 -2.04 11.25 0.91
N ARG A 99 -2.07 10.77 -0.32
CA ARG A 99 -0.83 10.28 -0.95
C ARG A 99 0.15 11.42 -1.16
N ARG A 100 -0.35 12.56 -1.61
CA ARG A 100 0.50 13.72 -1.87
C ARG A 100 1.09 14.36 -0.60
N HIS A 101 0.24 14.56 0.44
CA HIS A 101 0.61 15.39 1.60
C HIS A 101 0.91 14.64 2.87
N VAL A 102 0.52 13.36 2.97
CA VAL A 102 0.99 12.51 4.08
C VAL A 102 2.17 11.64 3.66
N PHE A 103 2.14 11.14 2.43
CA PHE A 103 3.13 10.14 1.98
C PHE A 103 4.08 10.67 0.92
N GLY A 104 3.97 11.96 0.61
CA GLY A 104 4.98 12.67 -0.18
C GLY A 104 5.04 12.32 -1.66
N GLU A 105 3.94 11.86 -2.26
CA GLU A 105 3.97 11.50 -3.70
C GLU A 105 4.06 12.77 -4.57
N SER A 106 5.09 12.85 -5.42
CA SER A 106 5.29 13.99 -6.29
C SER A 106 4.38 13.94 -7.48
N ASP A 107 4.19 15.10 -8.06
CA ASP A 107 3.57 15.19 -9.39
C ASP A 107 4.24 14.29 -10.44
N GLU A 108 5.57 14.21 -10.40
CA GLU A 108 6.30 13.39 -11.40
C GLU A 108 5.87 11.94 -11.25
N LEU A 109 5.86 11.43 -10.02
CA LEU A 109 5.43 10.05 -9.76
C LEU A 109 3.97 9.83 -10.13
N ILE A 110 3.12 10.78 -9.76
CA ILE A 110 1.69 10.64 -10.00
C ILE A 110 1.40 10.56 -11.52
N GLY A 111 2.01 11.44 -12.30
CA GLY A 111 1.83 11.41 -13.75
C GLY A 111 2.30 10.09 -14.35
N GLN A 112 3.41 9.57 -13.87
CA GLN A 112 3.91 8.25 -14.33
C GLN A 112 2.92 7.12 -14.00
N LYS A 113 2.30 7.20 -12.83
CA LYS A 113 1.26 6.24 -12.42
C LYS A 113 0.05 6.30 -13.34
N VAL A 114 -0.40 7.52 -13.64
CA VAL A 114 -1.52 7.75 -14.51
C VAL A 114 -1.26 7.08 -15.87
N ALA A 115 -0.10 7.36 -16.47
CA ALA A 115 0.24 6.82 -17.80
C ALA A 115 0.24 5.30 -17.78
N HIS A 116 0.83 4.71 -16.73
CA HIS A 116 0.93 3.24 -16.63
C HIS A 116 -0.44 2.59 -16.39
N ALA A 117 -1.23 3.17 -15.50
CA ALA A 117 -2.56 2.69 -15.24
C ALA A 117 -3.40 2.71 -16.53
N LEU A 118 -3.39 3.84 -17.22
CA LEU A 118 -4.18 3.96 -18.45
C LEU A 118 -3.65 2.99 -19.53
N ALA A 119 -2.35 2.88 -19.67
CA ALA A 119 -1.78 1.96 -20.68
C ALA A 119 -2.22 0.51 -20.44
N GLU A 120 -2.35 0.17 -19.14
CA GLU A 120 -2.75 -1.17 -18.71
C GLU A 120 -4.26 -1.39 -18.71
N GLY A 121 -5.06 -0.39 -19.09
CA GLY A 121 -6.52 -0.58 -19.25
C GLY A 121 -7.40 -0.16 -18.08
N LEU A 122 -6.83 0.46 -17.05
CA LEU A 122 -7.64 1.01 -15.97
C LEU A 122 -8.24 2.36 -16.32
N ARG A 123 -9.32 2.68 -15.63
CA ARG A 123 -9.87 4.03 -15.63
C ARG A 123 -9.32 4.74 -14.40
N VAL A 124 -9.11 6.05 -14.49
CA VAL A 124 -8.43 6.79 -13.43
C VAL A 124 -9.28 7.95 -12.86
N ILE A 125 -9.39 7.99 -11.55
CA ILE A 125 -9.86 9.16 -10.83
C ILE A 125 -8.61 9.86 -10.38
N ALA A 126 -8.28 10.97 -11.04
CA ALA A 126 -7.04 11.70 -10.81
C ALA A 126 -7.33 12.93 -9.96
N CYS A 127 -6.67 13.03 -8.81
CA CYS A 127 -7.04 14.04 -7.79
C CYS A 127 -6.07 15.19 -7.81
N ILE A 128 -6.60 16.40 -7.67
CA ILE A 128 -5.80 17.60 -7.54
C ILE A 128 -6.37 18.50 -6.44
N GLY A 129 -5.59 19.46 -6.02
CA GLY A 129 -6.08 20.49 -5.10
C GLY A 129 -5.00 21.20 -4.34
N GLU A 130 -5.34 22.41 -3.89
CA GLU A 130 -4.43 23.28 -3.18
C GLU A 130 -4.61 23.27 -1.66
N LYS A 131 -3.53 23.49 -0.96
CA LYS A 131 -3.54 23.66 0.49
C LYS A 131 -3.90 25.11 0.86
N LEU A 132 -4.06 25.35 2.16
CA LEU A 132 -4.51 26.65 2.66
C LEU A 132 -3.51 27.77 2.35
N ASP A 133 -2.24 27.56 2.67
CA ASP A 133 -1.15 28.50 2.29
C ASP A 133 -1.18 28.96 0.84
N GLU A 134 -1.35 27.99 -0.07
CA GLU A 134 -1.43 28.27 -1.52
C GLU A 134 -2.67 29.06 -1.86
N ARG A 135 -3.78 28.70 -1.22
CA ARG A 135 -5.01 29.43 -1.45
C ARG A 135 -4.86 30.89 -0.98
N GLU A 136 -4.26 31.09 0.16
CA GLU A 136 -4.15 32.42 0.73
C GLU A 136 -3.02 33.27 0.13
N ALA A 137 -2.14 32.63 -0.63
CA ALA A 137 -1.12 33.32 -1.41
C ALA A 137 -1.64 33.74 -2.77
N GLY A 138 -2.88 33.40 -3.08
CA GLY A 138 -3.50 33.73 -4.35
C GLY A 138 -3.21 32.76 -5.49
N ILE A 139 -2.56 31.62 -5.20
CA ILE A 139 -2.08 30.69 -6.25
C ILE A 139 -2.87 29.37 -6.42
N THR A 140 -4.16 29.40 -6.09
CA THR A 140 -5.06 28.29 -6.34
C THR A 140 -5.03 27.83 -7.82
N GLU A 141 -5.28 28.76 -8.74
CA GLU A 141 -5.31 28.45 -10.18
C GLU A 141 -3.99 27.85 -10.67
N LYS A 142 -2.89 28.48 -10.26
CA LYS A 142 -1.57 27.99 -10.56
C LYS A 142 -1.35 26.57 -10.10
N VAL A 143 -1.74 26.29 -8.85
CA VAL A 143 -1.52 24.95 -8.29
C VAL A 143 -2.34 23.91 -9.01
N VAL A 144 -3.66 24.09 -9.09
CA VAL A 144 -4.54 23.06 -9.69
C VAL A 144 -4.36 22.93 -11.24
N PHE A 145 -4.02 24.03 -11.92
CA PHE A 145 -3.74 23.94 -13.39
C PHE A 145 -2.48 23.10 -13.69
N GLU A 146 -1.43 23.31 -12.92
CA GLU A 146 -0.19 22.57 -13.07
C GLU A 146 -0.36 21.09 -12.73
N GLN A 147 -1.07 20.80 -11.65
CA GLN A 147 -1.42 19.42 -11.30
C GLN A 147 -2.25 18.81 -12.40
N THR A 148 -3.20 19.56 -12.95
CA THR A 148 -4.04 19.04 -14.04
C THR A 148 -3.20 18.76 -15.32
N LYS A 149 -2.19 19.60 -15.54
CA LYS A 149 -1.34 19.52 -16.74
C LYS A 149 -0.50 18.24 -16.75
N VAL A 150 0.13 17.96 -15.60
CA VAL A 150 0.84 16.70 -15.39
C VAL A 150 -0.04 15.46 -15.65
N ILE A 151 -1.26 15.48 -15.10
CA ILE A 151 -2.25 14.46 -15.42
C ILE A 151 -2.54 14.43 -16.94
N ALA A 152 -2.82 15.60 -17.55
CA ALA A 152 -3.21 15.68 -18.97
C ALA A 152 -2.12 15.17 -19.94
N ASP A 153 -0.89 15.45 -19.55
CA ASP A 153 0.31 14.99 -20.23
C ASP A 153 0.36 13.44 -20.35
N ASN A 154 -0.28 12.76 -19.42
CA ASN A 154 -0.24 11.31 -19.33
C ASN A 154 -1.54 10.68 -19.66
N VAL A 155 -2.45 11.47 -20.23
CA VAL A 155 -3.78 10.98 -20.64
C VAL A 155 -3.91 11.14 -22.16
N LYS A 156 -4.29 10.06 -22.83
CA LYS A 156 -4.59 10.09 -24.26
C LYS A 156 -6.10 9.91 -24.52
N ASP A 157 -6.74 9.00 -23.80
CA ASP A 157 -8.19 8.82 -23.89
C ASP A 157 -8.84 9.38 -22.60
N TRP A 158 -9.45 10.55 -22.71
CA TRP A 158 -10.13 11.19 -21.60
C TRP A 158 -11.45 10.54 -21.23
N SER A 159 -11.99 9.68 -22.11
CA SER A 159 -13.14 8.89 -21.74
C SER A 159 -12.81 7.96 -20.54
N LYS A 160 -11.53 7.73 -20.25
CA LYS A 160 -11.11 6.81 -19.16
C LYS A 160 -10.76 7.53 -17.85
N VAL A 161 -10.87 8.86 -17.81
CA VAL A 161 -10.57 9.58 -16.57
C VAL A 161 -11.69 10.46 -16.05
N VAL A 162 -11.66 10.65 -14.73
CA VAL A 162 -12.50 11.57 -14.01
C VAL A 162 -11.52 12.41 -13.19
N LEU A 163 -11.73 13.72 -13.18
CA LEU A 163 -10.89 14.64 -12.41
C LEU A 163 -11.62 14.92 -11.13
N ALA A 164 -10.90 14.90 -10.01
CA ALA A 164 -11.48 15.20 -8.69
C ALA A 164 -10.71 16.36 -8.05
N TYR A 165 -11.44 17.45 -7.78
CA TYR A 165 -10.90 18.58 -7.07
C TYR A 165 -11.08 18.39 -5.56
N GLU A 166 -10.00 18.48 -4.81
CA GLU A 166 -9.95 18.31 -3.35
C GLU A 166 -9.52 19.62 -2.72
N PRO A 167 -10.44 20.34 -2.05
CA PRO A 167 -10.01 21.59 -1.41
C PRO A 167 -9.25 21.26 -0.13
N VAL A 168 -7.97 20.98 -0.30
CA VAL A 168 -7.18 20.50 0.81
C VAL A 168 -7.10 21.55 1.93
N TRP A 169 -7.15 22.81 1.53
CA TRP A 169 -7.26 23.97 2.41
C TRP A 169 -8.41 23.98 3.41
N ALA A 170 -9.43 23.16 3.16
CA ALA A 170 -10.60 23.02 4.04
C ALA A 170 -10.58 21.79 4.98
N ILE A 171 -9.45 21.07 5.05
CA ILE A 171 -9.37 19.81 5.83
C ILE A 171 -8.77 20.08 7.20
N GLY A 172 -9.62 20.32 8.20
CA GLY A 172 -9.13 20.48 9.57
C GLY A 172 -8.39 21.79 9.81
N THR A 173 -8.61 22.76 8.94
CA THR A 173 -7.88 24.04 8.96
C THR A 173 -8.59 25.17 9.66
N GLY A 174 -9.92 25.09 9.76
CA GLY A 174 -10.74 26.17 10.27
C GLY A 174 -11.42 26.98 9.19
N LYS A 175 -11.21 26.58 7.93
CA LYS A 175 -11.95 27.08 6.80
C LYS A 175 -12.69 25.95 6.15
N THR A 176 -13.78 26.29 5.46
CA THR A 176 -14.55 25.32 4.68
C THR A 176 -14.94 25.92 3.36
N ALA A 177 -15.30 25.09 2.39
CA ALA A 177 -15.63 25.55 1.05
C ALA A 177 -17.12 25.68 0.91
N THR A 178 -17.57 26.79 0.33
CA THR A 178 -18.94 26.93 -0.03
C THR A 178 -19.12 26.30 -1.40
N PRO A 179 -20.38 25.97 -1.76
CA PRO A 179 -20.76 25.50 -3.08
C PRO A 179 -20.30 26.40 -4.23
N GLN A 180 -20.25 27.70 -3.96
CA GLN A 180 -19.83 28.71 -4.90
C GLN A 180 -18.31 28.64 -5.04
N GLN A 181 -17.59 28.49 -3.92
CA GLN A 181 -16.14 28.32 -4.01
C GLN A 181 -15.77 27.01 -4.75
N ALA A 182 -16.57 25.97 -4.58
CA ALA A 182 -16.39 24.71 -5.35
C ALA A 182 -16.58 24.93 -6.86
N GLN A 183 -17.75 25.45 -7.21
CA GLN A 183 -18.14 25.72 -8.58
C GLN A 183 -17.13 26.59 -9.31
N GLU A 184 -16.54 27.56 -8.64
CA GLU A 184 -15.63 28.45 -9.34
C GLU A 184 -14.37 27.69 -9.79
N VAL A 185 -13.80 26.85 -8.93
CA VAL A 185 -12.58 26.14 -9.35
C VAL A 185 -12.95 25.07 -10.39
N HIS A 186 -14.08 24.38 -10.23
CA HIS A 186 -14.57 23.45 -11.25
C HIS A 186 -14.76 24.11 -12.64
N GLU A 187 -15.30 25.34 -12.65
CA GLU A 187 -15.48 26.10 -13.89
C GLU A 187 -14.13 26.43 -14.49
N LYS A 188 -13.18 26.85 -13.65
CA LYS A 188 -11.84 27.11 -14.13
C LYS A 188 -11.18 25.88 -14.76
N LEU A 189 -11.35 24.73 -14.11
CA LEU A 189 -10.74 23.50 -14.58
C LEU A 189 -11.25 23.06 -15.94
N ARG A 190 -12.57 23.22 -16.17
CA ARG A 190 -13.23 22.82 -17.40
C ARG A 190 -12.73 23.75 -18.50
N GLY A 191 -12.62 25.04 -18.19
CA GLY A 191 -12.03 26.01 -19.11
C GLY A 191 -10.59 25.64 -19.50
N TRP A 192 -9.85 25.07 -18.54
CA TRP A 192 -8.47 24.63 -18.79
C TRP A 192 -8.43 23.47 -19.79
N LEU A 193 -9.28 22.46 -19.56
CA LEU A 193 -9.45 21.38 -20.51
C LEU A 193 -9.82 21.89 -21.94
N LYS A 194 -10.75 22.84 -21.99
CA LYS A 194 -11.15 23.43 -23.27
C LYS A 194 -9.94 24.08 -23.93
N SER A 195 -9.27 24.94 -23.18
CA SER A 195 -8.13 25.69 -23.67
C SER A 195 -6.94 24.80 -24.02
N ASN A 196 -6.66 23.76 -23.23
CA ASN A 196 -5.43 22.97 -23.41
C ASN A 196 -5.59 21.60 -24.02
N VAL A 197 -6.82 21.13 -24.21
CA VAL A 197 -7.07 19.78 -24.74
C VAL A 197 -8.06 19.93 -25.90
N SER A 198 -9.35 19.99 -25.62
CA SER A 198 -10.33 20.28 -26.66
C SER A 198 -11.63 20.71 -26.00
N ASP A 199 -12.46 21.37 -26.76
CA ASP A 199 -13.81 21.69 -26.32
C ASP A 199 -14.60 20.40 -26.02
N ALA A 200 -14.43 19.39 -26.88
CA ALA A 200 -15.11 18.11 -26.70
C ALA A 200 -14.69 17.40 -25.41
N VAL A 201 -13.43 17.61 -24.97
CA VAL A 201 -12.94 16.98 -23.75
C VAL A 201 -13.52 17.74 -22.56
N ALA A 202 -13.47 19.06 -22.65
CA ALA A 202 -14.06 19.95 -21.65
C ALA A 202 -15.53 19.59 -21.36
N GLN A 203 -16.29 19.40 -22.43
CA GLN A 203 -17.71 19.10 -22.32
C GLN A 203 -18.02 17.69 -21.85
N SER A 204 -17.15 16.72 -22.12
CA SER A 204 -17.47 15.32 -21.84
C SER A 204 -16.79 14.74 -20.59
N THR A 205 -15.77 15.45 -20.06
CA THR A 205 -15.05 15.02 -18.86
C THR A 205 -15.78 15.37 -17.55
N ARG A 206 -16.01 14.36 -16.69
CA ARG A 206 -16.56 14.61 -15.35
C ARG A 206 -15.46 15.27 -14.49
N ILE A 207 -15.82 16.36 -13.81
CA ILE A 207 -15.00 17.00 -12.79
C ILE A 207 -15.82 16.90 -11.51
N ILE A 208 -15.37 16.00 -10.63
CA ILE A 208 -16.11 15.69 -9.42
C ILE A 208 -15.52 16.41 -8.21
N TYR A 209 -16.38 16.67 -7.24
CA TYR A 209 -15.98 17.45 -6.09
C TYR A 209 -15.58 16.51 -4.96
N GLY A 210 -14.35 16.68 -4.48
CA GLY A 210 -13.78 15.80 -3.47
C GLY A 210 -13.67 16.43 -2.08
N GLY A 211 -14.33 17.55 -1.85
CA GLY A 211 -14.37 18.16 -0.54
C GLY A 211 -15.49 17.54 0.25
N SER A 212 -15.70 18.07 1.45
CA SER A 212 -16.80 17.62 2.31
C SER A 212 -18.19 17.60 1.63
N VAL A 213 -18.80 16.42 1.61
CA VAL A 213 -20.19 16.28 1.13
C VAL A 213 -20.95 15.28 1.99
N THR A 214 -22.19 15.65 2.27
CA THR A 214 -23.10 14.82 3.05
C THR A 214 -24.43 14.70 2.32
N GLY A 215 -25.31 13.88 2.89
CA GLY A 215 -26.68 13.79 2.41
C GLY A 215 -27.37 15.13 2.42
N ALA A 216 -27.11 15.92 3.47
CA ALA A 216 -27.74 17.23 3.61
C ALA A 216 -27.23 18.26 2.60
N THR A 217 -25.96 18.14 2.21
CA THR A 217 -25.35 19.12 1.31
C THR A 217 -25.23 18.73 -0.17
N CYS A 218 -25.43 17.45 -0.52
CA CYS A 218 -25.12 16.98 -1.87
C CYS A 218 -25.97 17.58 -3.00
N LYS A 219 -27.26 17.85 -2.75
CA LYS A 219 -28.15 18.33 -3.81
C LYS A 219 -27.72 19.70 -4.30
N GLU A 220 -27.41 20.60 -3.38
CA GLU A 220 -26.92 21.94 -3.73
C GLU A 220 -25.56 21.96 -4.46
N LEU A 221 -24.64 21.12 -4.01
CA LEU A 221 -23.36 20.95 -4.70
C LEU A 221 -23.55 20.31 -6.08
N ALA A 222 -24.41 19.29 -6.20
CA ALA A 222 -24.66 18.63 -7.49
C ALA A 222 -25.38 19.55 -8.50
N SER A 223 -26.15 20.49 -7.98
CA SER A 223 -26.84 21.48 -8.83
C SER A 223 -25.86 22.50 -9.44
N GLN A 224 -24.67 22.67 -8.88
CA GLN A 224 -23.67 23.57 -9.51
C GLN A 224 -23.38 23.08 -10.94
N PRO A 225 -23.40 23.98 -11.95
CA PRO A 225 -23.36 23.53 -13.37
C PRO A 225 -22.10 22.75 -13.78
N ASP A 226 -20.96 23.09 -13.18
CA ASP A 226 -19.68 22.43 -13.47
C ASP A 226 -19.20 21.34 -12.48
N VAL A 227 -20.03 21.00 -11.50
CA VAL A 227 -19.76 19.90 -10.58
C VAL A 227 -20.49 18.67 -11.09
N ASP A 228 -19.75 17.63 -11.47
CA ASP A 228 -20.32 16.43 -12.10
C ASP A 228 -20.40 15.23 -11.20
N GLY A 229 -20.19 15.45 -9.90
CA GLY A 229 -20.39 14.41 -8.89
C GLY A 229 -19.42 14.62 -7.75
N PHE A 230 -19.07 13.51 -7.09
CA PHE A 230 -18.29 13.54 -5.84
C PHE A 230 -17.31 12.39 -5.70
N LEU A 231 -16.18 12.67 -5.06
CA LEU A 231 -15.33 11.63 -4.48
C LEU A 231 -15.56 11.74 -2.97
N VAL A 232 -16.35 10.83 -2.42
CA VAL A 232 -16.91 10.95 -1.08
C VAL A 232 -15.99 10.27 -0.08
N GLY A 233 -15.72 10.94 1.03
CA GLY A 233 -14.93 10.37 2.11
C GLY A 233 -15.81 9.60 3.08
N GLY A 234 -15.90 10.13 4.31
CA GLY A 234 -16.60 9.48 5.42
C GLY A 234 -18.01 8.97 5.15
N ALA A 235 -18.80 9.76 4.44
CA ALA A 235 -20.18 9.36 4.11
C ALA A 235 -20.27 8.06 3.25
N SER A 236 -19.18 7.73 2.54
CA SER A 236 -19.14 6.52 1.72
C SER A 236 -19.24 5.22 2.52
N LEU A 237 -18.94 5.29 3.81
CA LEU A 237 -19.05 4.11 4.69
C LEU A 237 -20.46 3.87 5.29
N LYS A 238 -21.42 4.70 4.91
CA LYS A 238 -22.74 4.69 5.54
C LYS A 238 -23.84 4.67 4.46
N PRO A 239 -25.10 4.28 4.83
CA PRO A 239 -26.21 4.31 3.86
C PRO A 239 -26.43 5.68 3.24
N GLU A 240 -26.08 6.73 3.98
CA GLU A 240 -25.98 8.11 3.48
C GLU A 240 -25.34 8.24 2.13
N PHE A 241 -24.37 7.39 1.83
CA PHE A 241 -23.75 7.38 0.51
C PHE A 241 -24.80 7.29 -0.62
N VAL A 242 -25.85 6.52 -0.37
CA VAL A 242 -26.95 6.35 -1.35
C VAL A 242 -27.70 7.66 -1.58
N ASP A 243 -27.85 8.47 -0.54
CA ASP A 243 -28.40 9.83 -0.71
C ASP A 243 -27.53 10.64 -1.67
N ILE A 244 -26.22 10.44 -1.61
CA ILE A 244 -25.32 11.20 -2.47
C ILE A 244 -25.36 10.68 -3.92
N ILE A 245 -25.49 9.37 -4.07
CA ILE A 245 -25.78 8.76 -5.39
C ILE A 245 -27.05 9.37 -6.00
N ASN A 246 -28.07 9.58 -5.17
CA ASN A 246 -29.37 10.22 -5.57
C ASN A 246 -29.37 11.75 -5.68
N ALA A 247 -28.21 12.39 -5.65
CA ALA A 247 -28.13 13.86 -5.51
C ALA A 247 -28.81 14.64 -6.63
N LYS A 248 -28.92 14.03 -7.80
CA LYS A 248 -29.54 14.64 -8.98
C LYS A 248 -31.02 14.40 -9.06
N GLN A 249 -31.54 13.47 -8.25
CA GLN A 249 -32.92 13.04 -8.37
C GLN A 249 -33.80 14.03 -7.58
N PRO B 3 15.75 -23.64 25.21
CA PRO B 3 15.69 -22.70 24.11
C PRO B 3 16.12 -23.38 22.80
N SER B 4 17.08 -22.81 22.05
CA SER B 4 17.40 -23.23 20.66
C SER B 4 16.47 -22.49 19.69
N ARG B 5 17.03 -21.62 18.84
CA ARG B 5 16.23 -20.73 17.98
C ARG B 5 15.67 -21.44 16.75
N LYS B 6 14.35 -21.49 16.60
CA LYS B 6 13.71 -22.19 15.49
C LYS B 6 14.09 -21.51 14.17
N PHE B 7 14.57 -22.31 13.22
CA PHE B 7 15.03 -21.80 11.92
C PHE B 7 13.82 -21.15 11.22
N PHE B 8 14.08 -20.00 10.59
CA PHE B 8 12.99 -19.16 10.06
C PHE B 8 13.24 -18.77 8.60
N VAL B 9 12.34 -19.15 7.71
CA VAL B 9 12.42 -18.75 6.29
C VAL B 9 11.17 -17.96 5.86
N GLY B 10 11.38 -16.68 5.59
CA GLY B 10 10.38 -15.80 4.98
C GLY B 10 10.55 -15.63 3.48
N GLY B 11 9.45 -15.71 2.73
CA GLY B 11 9.50 -15.43 1.29
C GLY B 11 8.78 -14.13 0.98
N ASN B 12 9.52 -13.13 0.51
CA ASN B 12 8.94 -11.83 0.16
C ASN B 12 8.74 -11.81 -1.34
N TRP B 13 7.50 -11.94 -1.76
CA TRP B 13 7.14 -11.99 -3.17
C TRP B 13 7.22 -10.62 -3.79
N LYS B 14 7.28 -9.57 -2.96
CA LYS B 14 7.32 -8.19 -3.41
C LYS B 14 6.16 -7.90 -4.36
N MET B 15 6.37 -7.07 -5.38
CA MET B 15 5.24 -6.72 -6.27
C MET B 15 5.30 -7.64 -7.50
N ASN B 16 4.96 -8.90 -7.30
CA ASN B 16 5.04 -9.92 -8.32
C ASN B 16 3.87 -10.87 -8.22
N GLY B 17 3.41 -11.32 -9.39
CA GLY B 17 2.41 -12.36 -9.50
C GLY B 17 0.98 -11.90 -9.69
N ARG B 18 0.18 -12.84 -10.17
CA ARG B 18 -1.26 -12.68 -10.31
C ARG B 18 -1.87 -13.96 -9.77
N LYS B 19 -3.18 -14.02 -9.71
CA LYS B 19 -3.82 -15.15 -9.06
C LYS B 19 -3.41 -16.51 -9.62
N GLN B 20 -3.32 -16.59 -10.95
CA GLN B 20 -2.92 -17.85 -11.63
C GLN B 20 -1.48 -18.25 -11.33
N SER B 21 -0.55 -17.34 -11.60
CA SER B 21 0.83 -17.62 -11.32
C SER B 21 1.08 -17.88 -9.83
N LEU B 22 0.48 -17.09 -8.93
CA LEU B 22 0.69 -17.30 -7.49
C LEU B 22 -0.01 -18.59 -7.03
N GLY B 23 -1.12 -18.95 -7.67
CA GLY B 23 -1.77 -20.26 -7.46
C GLY B 23 -0.81 -21.42 -7.70
N GLU B 24 -0.05 -21.35 -8.78
CA GLU B 24 0.93 -22.39 -9.13
C GLU B 24 2.07 -22.40 -8.11
N LEU B 25 2.61 -21.23 -7.79
CA LEU B 25 3.63 -21.13 -6.72
C LEU B 25 3.12 -21.76 -5.43
N ILE B 26 1.92 -21.37 -5.03
CA ILE B 26 1.32 -21.89 -3.83
C ILE B 26 1.14 -23.42 -3.88
N GLY B 27 0.71 -23.92 -5.04
CA GLY B 27 0.57 -25.39 -5.26
C GLY B 27 1.86 -26.14 -4.98
N THR B 28 2.97 -25.62 -5.51
CA THR B 28 4.32 -26.12 -5.27
C THR B 28 4.71 -26.10 -3.80
N LEU B 29 4.44 -24.99 -3.13
CA LEU B 29 4.72 -24.88 -1.70
C LEU B 29 3.90 -25.85 -0.88
N ASN B 30 2.60 -25.91 -1.14
CA ASN B 30 1.72 -26.86 -0.43
C ASN B 30 2.22 -28.32 -0.51
N ALA B 31 2.76 -28.70 -1.66
CA ALA B 31 3.23 -30.06 -1.86
C ALA B 31 4.64 -30.29 -1.29
N ALA B 32 5.36 -29.21 -0.93
CA ALA B 32 6.75 -29.35 -0.55
C ALA B 32 6.89 -29.90 0.86
N LYS B 33 7.99 -30.59 1.09
CA LYS B 33 8.36 -31.11 2.40
C LYS B 33 8.79 -29.95 3.27
N VAL B 34 8.02 -29.67 4.32
CA VAL B 34 8.34 -28.60 5.28
C VAL B 34 8.87 -29.22 6.57
N PRO B 35 10.21 -29.15 6.83
CA PRO B 35 10.73 -29.69 8.08
C PRO B 35 10.11 -29.01 9.27
N ALA B 36 9.64 -29.80 10.24
CA ALA B 36 9.00 -29.26 11.44
C ALA B 36 9.92 -28.33 12.24
N ASP B 37 11.23 -28.52 12.13
CA ASP B 37 12.17 -27.58 12.72
C ASP B 37 12.18 -26.18 12.06
N THR B 38 11.50 -26.02 10.91
CA THR B 38 11.46 -24.75 10.18
C THR B 38 10.09 -24.01 10.25
N GLU B 39 10.15 -22.71 10.50
CA GLU B 39 9.02 -21.79 10.45
C GLU B 39 9.03 -21.03 9.11
N VAL B 40 8.02 -21.27 8.27
CA VAL B 40 7.90 -20.66 6.95
C VAL B 40 6.78 -19.62 6.94
N VAL B 41 7.05 -18.47 6.30
CA VAL B 41 6.14 -17.31 6.20
C VAL B 41 6.30 -16.75 4.80
N CYS B 42 5.17 -16.53 4.11
CA CYS B 42 5.15 -15.95 2.78
C CYS B 42 4.44 -14.59 2.83
N ALA B 43 5.01 -13.60 2.15
CA ALA B 43 4.48 -12.25 2.09
C ALA B 43 4.01 -11.93 0.68
N PRO B 44 2.70 -12.14 0.39
CA PRO B 44 2.17 -11.77 -0.94
C PRO B 44 1.97 -10.27 -1.15
N PRO B 45 1.83 -9.85 -2.40
CA PRO B 45 1.31 -8.52 -2.68
C PRO B 45 0.04 -8.27 -1.90
N THR B 46 -0.18 -7.01 -1.51
CA THR B 46 -1.25 -6.64 -0.58
C THR B 46 -2.66 -6.96 -1.08
N ALA B 47 -2.85 -6.88 -2.41
CA ALA B 47 -4.07 -7.35 -3.09
C ALA B 47 -4.41 -8.81 -2.94
N TYR B 48 -3.40 -9.64 -2.62
CA TYR B 48 -3.55 -11.06 -2.55
C TYR B 48 -3.27 -11.66 -1.17
N ILE B 49 -3.31 -10.87 -0.11
CA ILE B 49 -3.13 -11.44 1.24
C ILE B 49 -4.22 -12.48 1.52
N ASP B 50 -5.47 -12.08 1.29
CA ASP B 50 -6.62 -12.98 1.52
C ASP B 50 -6.54 -14.23 0.63
N PHE B 51 -6.40 -14.02 -0.67
CA PHE B 51 -6.19 -15.09 -1.65
C PHE B 51 -5.10 -16.11 -1.22
N ALA B 52 -3.92 -15.60 -0.88
CA ALA B 52 -2.82 -16.45 -0.47
C ALA B 52 -3.17 -17.28 0.75
N ARG B 53 -3.84 -16.68 1.73
CA ARG B 53 -4.17 -17.36 2.97
C ARG B 53 -5.20 -18.45 2.71
N GLN B 54 -6.18 -18.15 1.85
CA GLN B 54 -7.12 -19.18 1.44
C GLN B 54 -6.48 -20.39 0.74
N LYS B 55 -5.48 -20.17 -0.11
CA LYS B 55 -4.87 -21.26 -0.88
C LYS B 55 -3.72 -21.98 -0.14
N LEU B 56 -2.98 -21.27 0.72
CA LEU B 56 -1.80 -21.85 1.33
C LEU B 56 -2.19 -22.81 2.44
N ASP B 57 -1.47 -23.92 2.53
CA ASP B 57 -1.65 -24.86 3.63
C ASP B 57 -1.32 -24.15 4.98
N PRO B 58 -2.11 -24.42 6.03
CA PRO B 58 -1.90 -23.87 7.36
C PRO B 58 -0.48 -23.99 7.90
N LYS B 59 0.31 -24.93 7.41
CA LYS B 59 1.71 -25.03 7.78
C LYS B 59 2.52 -23.79 7.41
N ILE B 60 2.10 -23.07 6.39
CA ILE B 60 2.79 -21.82 6.02
C ILE B 60 1.98 -20.64 6.55
N ALA B 61 2.65 -19.69 7.21
CA ALA B 61 1.98 -18.49 7.70
C ALA B 61 1.97 -17.41 6.61
N VAL B 62 1.06 -16.44 6.69
CA VAL B 62 1.02 -15.33 5.74
C VAL B 62 1.38 -13.98 6.37
N ALA B 63 2.25 -13.24 5.70
CA ALA B 63 2.63 -11.89 6.15
C ALA B 63 2.14 -10.81 5.19
N ALA B 64 1.71 -9.65 5.70
CA ALA B 64 1.62 -8.44 4.89
C ALA B 64 3.03 -7.87 4.65
N GLN B 65 3.20 -7.13 3.55
CA GLN B 65 4.48 -6.54 3.17
C GLN B 65 4.72 -5.19 3.82
N ASN B 66 3.67 -4.62 4.40
CA ASN B 66 3.68 -3.29 5.04
C ASN B 66 2.32 -3.09 5.72
N CYS B 67 2.26 -2.11 6.60
CA CYS B 67 1.00 -1.68 7.20
C CYS B 67 1.21 -0.26 7.73
N TYR B 68 0.14 0.35 8.24
CA TYR B 68 0.20 1.67 8.84
C TYR B 68 0.06 1.53 10.37
N LYS B 69 -0.02 2.67 11.06
CA LYS B 69 0.25 2.74 12.51
C LYS B 69 -0.95 3.10 13.37
N VAL B 70 -2.15 3.16 12.75
CA VAL B 70 -3.38 3.24 13.49
C VAL B 70 -4.35 2.23 12.91
N THR B 71 -5.39 1.96 13.68
CA THR B 71 -6.31 0.90 13.32
C THR B 71 -7.25 1.22 12.12
N ASN B 72 -7.63 2.49 12.00
CA ASN B 72 -8.51 2.96 10.94
C ASN B 72 -8.21 4.44 10.78
N GLY B 73 -8.39 4.99 9.59
CA GLY B 73 -8.37 6.43 9.41
C GLY B 73 -8.25 6.92 7.98
N ALA B 74 -7.92 8.21 7.87
CA ALA B 74 -7.92 8.90 6.59
C ALA B 74 -6.53 8.75 5.94
N PHE B 75 -6.28 7.53 5.51
CA PHE B 75 -4.98 7.15 4.92
C PHE B 75 -5.20 6.31 3.67
N THR B 76 -5.73 6.98 2.67
CA THR B 76 -5.95 6.40 1.35
C THR B 76 -4.69 5.64 0.90
N GLY B 77 -4.88 4.39 0.54
CA GLY B 77 -3.81 3.50 0.06
C GLY B 77 -3.10 2.68 1.11
N GLU B 78 -3.50 2.79 2.38
CA GLU B 78 -2.81 2.07 3.43
C GLU B 78 -3.68 0.95 3.91
N ILE B 79 -3.10 0.01 4.64
CA ILE B 79 -3.85 -0.99 5.38
C ILE B 79 -3.34 -1.05 6.83
N SER B 80 -4.22 -1.48 7.75
CA SER B 80 -3.87 -1.57 9.17
C SER B 80 -3.69 -3.02 9.59
N PRO B 81 -2.97 -3.27 10.70
CA PRO B 81 -2.88 -4.62 11.30
C PRO B 81 -4.21 -5.33 11.49
N GLY B 82 -5.24 -4.60 11.91
CA GLY B 82 -6.57 -5.19 12.05
C GLY B 82 -7.06 -5.81 10.75
N MET B 83 -6.83 -5.16 9.60
CA MET B 83 -7.23 -5.72 8.31
C MET B 83 -6.38 -6.94 7.95
N ILE B 84 -5.11 -6.88 8.27
CA ILE B 84 -4.18 -7.99 8.01
C ILE B 84 -4.71 -9.25 8.75
N LYS B 85 -4.95 -9.12 10.04
CA LYS B 85 -5.51 -10.22 10.86
C LYS B 85 -6.85 -10.68 10.38
N ASP B 86 -7.73 -9.73 10.08
CA ASP B 86 -9.05 -10.03 9.48
C ASP B 86 -8.97 -10.89 8.21
N CYS B 87 -7.89 -10.74 7.43
CA CYS B 87 -7.65 -11.59 6.23
C CYS B 87 -6.95 -12.94 6.52
N GLY B 88 -6.65 -13.20 7.79
CA GLY B 88 -6.09 -14.49 8.23
C GLY B 88 -4.58 -14.50 8.29
N ALA B 89 -3.93 -13.36 7.99
CA ALA B 89 -2.47 -13.24 8.10
C ALA B 89 -2.07 -13.00 9.54
N THR B 90 -0.91 -13.51 9.91
CA THR B 90 -0.40 -13.41 11.26
C THR B 90 0.88 -12.61 11.40
N TRP B 91 1.51 -12.23 10.27
CA TRP B 91 2.77 -11.47 10.29
C TRP B 91 2.67 -10.18 9.48
N VAL B 92 3.60 -9.26 9.72
CA VAL B 92 3.80 -8.11 8.85
C VAL B 92 5.30 -7.82 8.77
N VAL B 93 5.75 -7.53 7.55
CA VAL B 93 7.12 -7.04 7.32
C VAL B 93 7.13 -5.53 7.48
N LEU B 94 8.03 -5.02 8.33
CA LEU B 94 8.17 -3.60 8.59
C LEU B 94 9.60 -3.13 8.40
N GLY B 95 9.76 -1.95 7.85
CA GLY B 95 11.05 -1.36 7.60
C GLY B 95 11.88 -1.95 6.48
N HIS B 96 11.24 -2.69 5.57
CA HIS B 96 11.94 -3.28 4.44
C HIS B 96 12.73 -2.20 3.72
N SER B 97 13.91 -2.57 3.23
CA SER B 97 14.78 -1.60 2.53
C SER B 97 14.09 -0.81 1.44
N GLU B 98 13.13 -1.42 0.73
CA GLU B 98 12.41 -0.68 -0.31
C GLU B 98 11.49 0.39 0.29
N ARG B 99 10.89 0.10 1.42
CA ARG B 99 10.07 1.11 2.11
C ARG B 99 10.92 2.30 2.53
N ARG B 100 12.07 2.01 3.14
CA ARG B 100 12.98 3.02 3.64
C ARG B 100 13.59 3.86 2.52
N HIS B 101 14.10 3.21 1.48
CA HIS B 101 14.96 3.88 0.50
C HIS B 101 14.29 4.21 -0.82
N VAL B 102 13.19 3.53 -1.16
CA VAL B 102 12.43 3.94 -2.34
C VAL B 102 11.31 4.86 -1.91
N PHE B 103 10.59 4.48 -0.86
CA PHE B 103 9.40 5.24 -0.41
C PHE B 103 9.63 6.11 0.81
N GLY B 104 10.86 6.16 1.31
CA GLY B 104 11.26 7.21 2.27
C GLY B 104 10.71 7.04 3.66
N GLU B 105 10.35 5.83 4.08
CA GLU B 105 9.83 5.65 5.43
C GLU B 105 10.95 5.92 6.49
N SER B 106 10.65 6.74 7.48
CA SER B 106 11.60 7.08 8.56
C SER B 106 11.64 6.02 9.63
N ASP B 107 12.76 5.94 10.35
CA ASP B 107 12.81 5.12 11.56
C ASP B 107 11.67 5.44 12.51
N GLU B 108 11.36 6.72 12.65
CA GLU B 108 10.28 7.14 13.55
C GLU B 108 8.94 6.50 13.16
N LEU B 109 8.59 6.57 11.88
CA LEU B 109 7.37 5.95 11.39
C LEU B 109 7.44 4.47 11.57
N ILE B 110 8.59 3.90 11.21
CA ILE B 110 8.75 2.46 11.31
C ILE B 110 8.55 1.98 12.74
N GLY B 111 9.10 2.70 13.73
CA GLY B 111 8.90 2.32 15.14
C GLY B 111 7.43 2.38 15.58
N GLN B 112 6.72 3.39 15.10
CA GLN B 112 5.31 3.53 15.42
C GLN B 112 4.51 2.38 14.81
N LYS B 113 4.86 1.98 13.59
CA LYS B 113 4.21 0.83 12.96
C LYS B 113 4.48 -0.44 13.76
N VAL B 114 5.73 -0.61 14.22
CA VAL B 114 6.06 -1.80 15.03
C VAL B 114 5.19 -1.85 16.30
N ALA B 115 5.13 -0.75 17.03
CA ALA B 115 4.34 -0.73 18.28
C ALA B 115 2.87 -1.04 18.00
N HIS B 116 2.33 -0.44 16.94
CA HIS B 116 0.94 -0.71 16.60
C HIS B 116 0.68 -2.15 16.18
N ALA B 117 1.48 -2.67 15.25
CA ALA B 117 1.33 -4.05 14.80
C ALA B 117 1.35 -5.04 15.99
N LEU B 118 2.35 -4.89 16.87
CA LEU B 118 2.47 -5.79 18.04
C LEU B 118 1.30 -5.62 18.99
N ALA B 119 0.90 -4.38 19.29
CA ALA B 119 -0.28 -4.16 20.15
C ALA B 119 -1.53 -4.87 19.59
N GLU B 120 -1.66 -4.91 18.26
CA GLU B 120 -2.76 -5.54 17.56
C GLU B 120 -2.67 -7.04 17.37
N GLY B 121 -1.59 -7.66 17.83
CA GLY B 121 -1.48 -9.10 17.86
C GLY B 121 -0.75 -9.72 16.69
N LEU B 122 -0.18 -8.87 15.83
CA LEU B 122 0.66 -9.37 14.73
C LEU B 122 2.06 -9.69 15.22
N ARG B 123 2.71 -10.63 14.52
CA ARG B 123 4.15 -10.79 14.62
C ARG B 123 4.80 -9.98 13.51
N VAL B 124 6.03 -9.58 13.74
CA VAL B 124 6.72 -8.61 12.91
C VAL B 124 8.08 -9.15 12.45
N ILE B 125 8.34 -9.04 11.14
CA ILE B 125 9.69 -9.19 10.62
C ILE B 125 10.17 -7.75 10.44
N ALA B 126 11.04 -7.31 11.33
CA ALA B 126 11.53 -5.94 11.32
C ALA B 126 12.85 -5.88 10.61
N CYS B 127 12.95 -5.04 9.58
CA CYS B 127 14.12 -5.04 8.69
C CYS B 127 15.01 -3.86 9.00
N ILE B 128 16.31 -4.12 8.97
CA ILE B 128 17.37 -3.10 9.12
C ILE B 128 18.47 -3.34 8.10
N GLY B 129 19.33 -2.34 7.88
CA GLY B 129 20.47 -2.54 7.01
C GLY B 129 21.08 -1.26 6.51
N GLU B 130 22.37 -1.30 6.16
CA GLU B 130 23.13 -0.11 5.73
C GLU B 130 23.39 -0.09 4.22
N LYS B 131 23.46 1.12 3.68
CA LYS B 131 23.71 1.33 2.26
C LYS B 131 25.23 1.26 2.01
N LEU B 132 25.63 1.36 0.74
CA LEU B 132 27.06 1.24 0.39
C LEU B 132 27.92 2.41 0.93
N ASP B 133 27.44 3.64 0.76
CA ASP B 133 28.11 4.83 1.30
C ASP B 133 28.32 4.76 2.81
N GLU B 134 27.30 4.27 3.52
CA GLU B 134 27.35 4.09 4.97
C GLU B 134 28.40 3.06 5.37
N ARG B 135 28.43 1.94 4.65
CA ARG B 135 29.38 0.88 4.96
C ARG B 135 30.81 1.34 4.71
N GLU B 136 31.03 1.96 3.55
CA GLU B 136 32.34 2.51 3.15
C GLU B 136 32.81 3.70 3.99
N ALA B 137 31.88 4.36 4.69
CA ALA B 137 32.22 5.36 5.69
C ALA B 137 32.60 4.77 7.06
N GLY B 138 32.49 3.45 7.23
CA GLY B 138 32.82 2.77 8.47
C GLY B 138 31.71 2.83 9.50
N ILE B 139 30.48 3.14 9.09
CA ILE B 139 29.38 3.35 10.05
C ILE B 139 28.26 2.30 9.99
N THR B 140 28.56 1.13 9.45
CA THR B 140 27.65 -0.02 9.52
C THR B 140 27.03 -0.19 10.91
N GLU B 141 27.86 -0.30 11.94
CA GLU B 141 27.36 -0.52 13.30
C GLU B 141 26.49 0.62 13.79
N LYS B 142 26.91 1.85 13.54
CA LYS B 142 26.12 2.99 13.95
C LYS B 142 24.69 2.94 13.35
N VAL B 143 24.62 2.71 12.04
CA VAL B 143 23.35 2.71 11.30
C VAL B 143 22.47 1.58 11.77
N VAL B 144 23.01 0.35 11.79
CA VAL B 144 22.19 -0.81 12.10
C VAL B 144 21.80 -0.82 13.56
N PHE B 145 22.68 -0.32 14.45
CA PHE B 145 22.34 -0.20 15.88
C PHE B 145 21.25 0.85 16.16
N GLU B 146 21.34 2.03 15.58
CA GLU B 146 20.27 3.02 15.71
C GLU B 146 18.92 2.53 15.13
N GLN B 147 18.98 1.88 13.96
CA GLN B 147 17.78 1.27 13.38
C GLN B 147 17.17 0.24 14.33
N THR B 148 18.01 -0.63 14.88
CA THR B 148 17.59 -1.65 15.85
C THR B 148 17.08 -1.03 17.13
N LYS B 149 17.70 0.06 17.55
CA LYS B 149 17.26 0.72 18.79
C LYS B 149 15.82 1.22 18.68
N VAL B 150 15.48 1.81 17.54
CA VAL B 150 14.12 2.36 17.37
C VAL B 150 13.06 1.25 17.39
N ILE B 151 13.36 0.12 16.72
CA ILE B 151 12.54 -1.07 16.78
C ILE B 151 12.42 -1.54 18.22
N ALA B 152 13.56 -1.72 18.89
CA ALA B 152 13.54 -2.23 20.29
C ALA B 152 12.71 -1.31 21.21
N ASP B 153 12.86 0.01 21.04
CA ASP B 153 12.04 0.99 21.79
C ASP B 153 10.55 0.73 21.68
N ASN B 154 10.12 0.06 20.62
CA ASN B 154 8.72 -0.16 20.34
C ASN B 154 8.32 -1.63 20.43
N VAL B 155 9.16 -2.44 21.04
CA VAL B 155 8.86 -3.84 21.27
C VAL B 155 8.69 -4.10 22.77
N LYS B 156 7.57 -4.71 23.13
CA LYS B 156 7.34 -5.26 24.47
C LYS B 156 7.41 -6.79 24.56
N ASP B 157 7.19 -7.50 23.45
CA ASP B 157 7.29 -8.96 23.42
C ASP B 157 8.13 -9.44 22.24
N TRP B 158 9.41 -9.73 22.52
CA TRP B 158 10.33 -10.17 21.48
C TRP B 158 10.03 -11.56 20.92
N SER B 159 9.21 -12.34 21.65
CA SER B 159 8.71 -13.63 21.17
C SER B 159 7.88 -13.49 19.86
N LYS B 160 7.36 -12.30 19.60
CA LYS B 160 6.63 -11.99 18.36
C LYS B 160 7.44 -11.30 17.27
N VAL B 161 8.76 -11.17 17.44
CA VAL B 161 9.57 -10.39 16.50
C VAL B 161 10.64 -11.28 15.89
N VAL B 162 10.94 -11.05 14.62
CA VAL B 162 12.17 -11.57 13.99
C VAL B 162 12.89 -10.38 13.39
N LEU B 163 14.21 -10.28 13.62
CA LEU B 163 15.02 -9.23 13.01
C LEU B 163 15.59 -9.70 11.70
N ALA B 164 15.45 -8.90 10.63
CA ALA B 164 16.06 -9.22 9.33
C ALA B 164 17.10 -8.18 8.96
N TYR B 165 18.33 -8.64 8.78
CA TYR B 165 19.42 -7.79 8.31
C TYR B 165 19.51 -7.85 6.80
N GLU B 166 19.33 -6.72 6.13
CA GLU B 166 19.44 -6.61 4.69
C GLU B 166 20.71 -5.82 4.36
N PRO B 167 21.74 -6.47 3.80
CA PRO B 167 22.92 -5.74 3.38
C PRO B 167 22.59 -4.96 2.13
N VAL B 168 22.01 -3.77 2.31
CA VAL B 168 21.56 -2.95 1.16
C VAL B 168 22.76 -2.50 0.28
N TRP B 169 23.92 -2.33 0.93
CA TRP B 169 25.21 -2.11 0.26
C TRP B 169 25.58 -3.18 -0.77
N ALA B 170 25.17 -4.42 -0.51
CA ALA B 170 25.37 -5.55 -1.43
C ALA B 170 24.11 -5.91 -2.23
N ILE B 171 23.23 -4.94 -2.50
CA ILE B 171 22.01 -5.21 -3.26
C ILE B 171 21.89 -4.19 -4.38
N GLY B 172 22.10 -4.66 -5.62
CA GLY B 172 22.02 -3.82 -6.82
C GLY B 172 23.18 -2.86 -7.00
N THR B 173 24.28 -3.08 -6.26
CA THR B 173 25.44 -2.18 -6.26
C THR B 173 26.66 -2.74 -7.02
N GLY B 174 26.57 -3.98 -7.47
CA GLY B 174 27.75 -4.70 -7.96
C GLY B 174 28.51 -5.40 -6.85
N LYS B 175 28.42 -4.90 -5.62
CA LYS B 175 29.11 -5.53 -4.49
C LYS B 175 28.34 -6.75 -4.00
N THR B 176 29.06 -7.67 -3.37
CA THR B 176 28.46 -8.86 -2.76
C THR B 176 29.03 -9.08 -1.36
N ALA B 177 28.25 -9.79 -0.54
CA ALA B 177 28.56 -10.03 0.86
C ALA B 177 28.92 -11.50 1.03
N THR B 178 29.95 -11.77 1.81
CA THR B 178 30.35 -13.14 2.09
C THR B 178 29.60 -13.62 3.30
N PRO B 179 29.56 -14.95 3.51
CA PRO B 179 28.94 -15.48 4.73
C PRO B 179 29.58 -15.01 6.04
N GLN B 180 30.87 -14.70 6.02
CA GLN B 180 31.57 -14.23 7.23
C GLN B 180 31.09 -12.81 7.51
N GLN B 181 30.97 -12.02 6.45
CA GLN B 181 30.49 -10.63 6.56
C GLN B 181 29.06 -10.53 7.13
N ALA B 182 28.19 -11.42 6.66
CA ALA B 182 26.84 -11.57 7.19
C ALA B 182 26.90 -11.96 8.65
N GLN B 183 27.64 -13.02 8.95
CA GLN B 183 27.80 -13.50 10.33
C GLN B 183 28.31 -12.42 11.28
N GLU B 184 29.19 -11.57 10.77
CA GLU B 184 29.78 -10.50 11.54
C GLU B 184 28.71 -9.51 12.00
N VAL B 185 27.82 -9.13 11.08
CA VAL B 185 26.76 -8.17 11.42
C VAL B 185 25.79 -8.84 12.40
N HIS B 186 25.40 -10.07 12.10
CA HIS B 186 24.46 -10.79 12.96
C HIS B 186 25.00 -10.97 14.39
N GLU B 187 26.32 -11.15 14.52
CA GLU B 187 26.94 -11.30 15.84
C GLU B 187 26.92 -9.97 16.61
N LYS B 188 27.28 -8.90 15.93
CA LYS B 188 27.16 -7.55 16.47
C LYS B 188 25.72 -7.25 16.93
N LEU B 189 24.76 -7.60 16.08
CA LEU B 189 23.35 -7.35 16.40
C LEU B 189 22.93 -8.11 17.64
N ARG B 190 23.31 -9.38 17.76
CA ARG B 190 22.96 -10.15 18.95
C ARG B 190 23.61 -9.59 20.22
N GLY B 191 24.85 -9.11 20.05
CA GLY B 191 25.54 -8.41 21.12
C GLY B 191 24.78 -7.18 21.53
N TRP B 192 24.30 -6.43 20.52
CA TRP B 192 23.55 -5.24 20.80
C TRP B 192 22.33 -5.60 21.66
N LEU B 193 21.55 -6.59 21.25
CA LEU B 193 20.37 -6.99 22.02
C LEU B 193 20.70 -7.34 23.49
N LYS B 194 21.78 -8.11 23.68
CA LYS B 194 22.23 -8.56 25.00
C LYS B 194 22.47 -7.40 25.96
N SER B 195 23.23 -6.39 25.54
CA SER B 195 23.56 -5.24 26.43
C SER B 195 22.50 -4.14 26.48
N ASN B 196 21.57 -4.15 25.54
CA ASN B 196 20.55 -3.10 25.47
C ASN B 196 19.17 -3.56 25.86
N VAL B 197 18.86 -4.86 25.76
CA VAL B 197 17.55 -5.35 26.14
C VAL B 197 17.67 -6.40 27.24
N SER B 198 18.17 -7.58 26.91
CA SER B 198 18.39 -8.65 27.88
C SER B 198 19.09 -9.82 27.22
N ASP B 199 19.72 -10.64 28.04
CA ASP B 199 20.38 -11.83 27.57
C ASP B 199 19.39 -12.83 27.01
N ALA B 200 18.24 -12.95 27.68
CA ALA B 200 17.16 -13.81 27.24
C ALA B 200 16.73 -13.44 25.82
N VAL B 201 16.46 -12.15 25.59
CA VAL B 201 16.10 -11.61 24.25
C VAL B 201 17.20 -11.88 23.21
N ALA B 202 18.47 -11.68 23.58
CA ALA B 202 19.57 -12.00 22.69
C ALA B 202 19.63 -13.47 22.31
N GLN B 203 19.44 -14.38 23.27
CA GLN B 203 19.52 -15.82 22.99
C GLN B 203 18.34 -16.32 22.14
N SER B 204 17.14 -15.78 22.39
CA SER B 204 15.92 -16.34 21.82
C SER B 204 15.54 -15.73 20.46
N THR B 205 16.07 -14.55 20.12
CA THR B 205 15.58 -13.79 18.95
C THR B 205 16.21 -14.21 17.61
N ARG B 206 15.36 -14.60 16.65
CA ARG B 206 15.87 -14.94 15.32
C ARG B 206 16.35 -13.68 14.66
N ILE B 207 17.59 -13.74 14.18
CA ILE B 207 18.15 -12.74 13.32
C ILE B 207 18.36 -13.39 11.98
N ILE B 208 17.53 -13.01 11.00
CA ILE B 208 17.57 -13.63 9.68
C ILE B 208 18.32 -12.75 8.69
N TYR B 209 18.87 -13.39 7.65
CA TYR B 209 19.66 -12.68 6.64
C TYR B 209 18.82 -12.39 5.40
N GLY B 210 18.83 -11.13 4.96
CA GLY B 210 18.03 -10.68 3.83
C GLY B 210 18.81 -10.26 2.62
N GLY B 211 20.09 -10.61 2.56
CA GLY B 211 20.87 -10.48 1.35
C GLY B 211 20.69 -11.65 0.43
N SER B 212 21.46 -11.65 -0.66
CA SER B 212 21.31 -12.62 -1.71
C SER B 212 21.55 -14.05 -1.22
N VAL B 213 20.55 -14.90 -1.43
CA VAL B 213 20.60 -16.30 -1.03
C VAL B 213 19.96 -17.19 -2.13
N THR B 214 20.63 -18.30 -2.41
CA THR B 214 20.20 -19.27 -3.41
C THR B 214 20.22 -20.66 -2.80
N GLY B 215 19.62 -21.62 -3.50
CA GLY B 215 19.82 -23.04 -3.22
C GLY B 215 21.28 -23.44 -3.08
N ALA B 216 22.19 -22.79 -3.81
CA ALA B 216 23.64 -23.06 -3.76
C ALA B 216 24.41 -22.42 -2.58
N THR B 217 23.98 -21.25 -2.11
CA THR B 217 24.66 -20.56 -1.00
C THR B 217 24.00 -20.73 0.38
N CYS B 218 22.78 -21.27 0.42
CA CYS B 218 21.95 -21.23 1.63
C CYS B 218 22.47 -22.04 2.80
N LYS B 219 23.01 -23.25 2.53
CA LYS B 219 23.55 -24.12 3.59
C LYS B 219 24.71 -23.48 4.33
N GLU B 220 25.66 -22.94 3.59
CA GLU B 220 26.81 -22.26 4.18
C GLU B 220 26.38 -21.05 5.03
N LEU B 221 25.42 -20.27 4.50
CA LEU B 221 24.88 -19.13 5.26
C LEU B 221 24.12 -19.56 6.49
N ALA B 222 23.27 -20.57 6.37
CA ALA B 222 22.52 -21.09 7.52
C ALA B 222 23.42 -21.67 8.62
N SER B 223 24.59 -22.19 8.23
CA SER B 223 25.53 -22.79 9.20
C SER B 223 26.18 -21.73 10.09
N GLN B 224 26.19 -20.47 9.67
CA GLN B 224 26.72 -19.39 10.50
C GLN B 224 25.96 -19.34 11.82
N PRO B 225 26.70 -19.29 12.95
CA PRO B 225 26.08 -19.49 14.26
C PRO B 225 25.07 -18.41 14.67
N ASP B 226 25.20 -17.19 14.16
CA ASP B 226 24.20 -16.14 14.45
C ASP B 226 23.18 -15.84 13.31
N VAL B 227 23.24 -16.58 12.20
CA VAL B 227 22.27 -16.45 11.10
C VAL B 227 21.18 -17.48 11.33
N ASP B 228 19.98 -17.03 11.67
CA ASP B 228 18.90 -17.94 12.05
C ASP B 228 17.91 -18.24 10.93
N GLY B 229 18.26 -17.87 9.71
CA GLY B 229 17.43 -18.13 8.55
C GLY B 229 17.45 -16.95 7.61
N PHE B 230 16.38 -16.80 6.83
CA PHE B 230 16.38 -15.91 5.67
C PHE B 230 15.09 -15.12 5.44
N LEU B 231 15.24 -13.90 4.93
CA LEU B 231 14.16 -13.21 4.28
C LEU B 231 14.49 -13.21 2.81
N VAL B 232 13.81 -14.06 2.05
CA VAL B 232 14.18 -14.31 0.65
C VAL B 232 13.43 -13.33 -0.26
N GLY B 233 14.12 -12.77 -1.24
CA GLY B 233 13.47 -11.98 -2.29
C GLY B 233 13.04 -12.79 -3.52
N GLY B 234 13.74 -12.57 -4.62
CA GLY B 234 13.34 -13.12 -5.92
C GLY B 234 13.25 -14.63 -5.94
N ALA B 235 14.15 -15.31 -5.23
CA ALA B 235 14.11 -16.78 -5.13
C ALA B 235 12.86 -17.34 -4.47
N SER B 236 12.15 -16.53 -3.67
CA SER B 236 10.89 -16.93 -3.04
C SER B 236 9.79 -17.19 -4.05
N LEU B 237 9.94 -16.67 -5.27
CA LEU B 237 8.97 -16.92 -6.33
C LEU B 237 9.24 -18.20 -7.12
N LYS B 238 10.36 -18.89 -6.85
CA LYS B 238 10.82 -20.05 -7.63
C LYS B 238 10.89 -21.32 -6.74
N PRO B 239 10.61 -22.51 -7.32
CA PRO B 239 10.71 -23.80 -6.58
C PRO B 239 11.93 -23.97 -5.66
N GLU B 240 13.07 -23.38 -6.05
CA GLU B 240 14.27 -23.21 -5.22
C GLU B 240 14.06 -22.71 -3.78
N PHE B 241 12.97 -21.98 -3.52
CA PHE B 241 12.61 -21.56 -2.17
C PHE B 241 12.53 -22.77 -1.24
N VAL B 242 12.09 -23.90 -1.78
CA VAL B 242 12.02 -25.16 -1.05
C VAL B 242 13.42 -25.58 -0.57
N ASP B 243 14.43 -25.42 -1.42
CA ASP B 243 15.84 -25.70 -1.05
C ASP B 243 16.33 -24.82 0.10
N ILE B 244 15.89 -23.56 0.11
CA ILE B 244 16.18 -22.61 1.20
C ILE B 244 15.43 -23.00 2.48
N ILE B 245 14.17 -23.42 2.37
CA ILE B 245 13.46 -23.97 3.53
C ILE B 245 14.24 -25.16 4.16
N ASN B 246 14.83 -25.99 3.29
CA ASN B 246 15.59 -27.17 3.72
C ASN B 246 17.10 -26.86 3.94
N ALA B 247 17.48 -25.59 4.09
CA ALA B 247 18.89 -25.23 4.25
C ALA B 247 19.62 -25.85 5.46
N LYS B 248 18.90 -26.27 6.50
CA LYS B 248 19.53 -26.93 7.66
C LYS B 248 19.45 -28.47 7.60
N GLN B 249 18.67 -29.02 6.66
CA GLN B 249 18.58 -30.46 6.45
C GLN B 249 19.82 -30.97 5.72
C1 IPA C . 2.26 -13.25 -13.51
C2 IPA C . 3.26 -12.11 -13.76
C3 IPA C . 2.58 -10.92 -14.45
O2 IPA C . 3.89 -11.74 -12.52
C1 GOL D . 2.18 20.31 -6.22
O1 GOL D . 1.20 20.03 -7.22
C2 GOL D . 1.48 20.80 -4.96
O2 GOL D . 0.58 19.82 -4.44
C3 GOL D . 2.53 21.09 -3.92
O3 GOL D . 1.90 21.73 -2.82
C1 GOL E . -2.58 16.28 4.64
O1 GOL E . -2.16 16.37 6.00
C2 GOL E . -4.08 16.02 4.59
O2 GOL E . -4.73 17.28 4.67
C3 GOL E . -4.42 15.24 3.32
O3 GOL E . -5.77 15.42 2.87
C1 GOL F . 19.78 6.16 6.73
O1 GOL F . 20.12 5.77 5.39
C2 GOL F . 18.67 5.28 7.31
O2 GOL F . 18.53 4.00 6.66
C3 GOL F . 18.94 5.04 8.79
O3 GOL F . 17.71 4.67 9.38
C1 GOL G . 1.80 0.72 1.88
O1 GOL G . 2.56 -0.26 1.20
C2 GOL G . 0.57 0.13 2.62
O2 GOL G . 0.15 -1.16 2.23
C3 GOL G . 0.80 -0.05 4.10
O3 GOL G . -0.37 0.35 4.78
#